data_2NQ6
#
_entry.id   2NQ6
#
_cell.length_a   47.320
_cell.length_b   77.825
_cell.length_c   48.229
_cell.angle_alpha   90.00
_cell.angle_beta   90.48
_cell.angle_gamma   90.00
#
_symmetry.space_group_name_H-M   'P 1 21 1'
#
loop_
_entity.id
_entity.type
_entity.pdbx_description
1 polymer 'Methionine aminopeptidase 1'
2 non-polymer 'COBALT (II) ION'
3 non-polymer 'CALCIUM ION'
4 non-polymer 'TERT-BUTYL {2-[(1,3-THIAZOL-2-YLAMINO)CARBONYL]PYRIDIN-3-YL}CARBAMATE'
5 non-polymer GLYCEROL
6 water water
#
_entity_poly.entity_id   1
_entity_poly.type   'polypeptide(L)'
_entity_poly.pdbx_seq_one_letter_code
;MGSSHHHHHHSSGLVPRGSHMLEDPYRYTGKLRPHYPLMPTRPVPSYIQRPDYADHPLGMSESEQALKGTSQIKLLSSED
IEGMRLVCRLAREVLDVAAGMIKPGVTTEEIDHAVHLACIARNCYPSPLNYYNFPKSCCTSVNEVICHGIPDRRPLQEGD
IVNVDITLYRNGYHGDLNETFFVGEVDDGARKLVQTTYECLMQAIDAVKPGVRYRELGNIIQKHAQANGFSVVRSYCGHG
IHKLFHTAPNVPHYAKNKAVGVMKSGHVFTIEPMICEGGWQDETWPDGWTAVTRDGKRSAQFEHTLLVTDTGCEILTRRL
DSARPHFMS
;
_entity_poly.pdbx_strand_id   A
#
loop_
_chem_comp.id
_chem_comp.type
_chem_comp.name
_chem_comp.formula
CA non-polymer 'CALCIUM ION' 'Ca 2'
CO non-polymer 'COBALT (II) ION' 'Co 2'
GOL non-polymer GLYCEROL 'C3 H8 O3'
HM4 non-polymer 'TERT-BUTYL {2-[(1,3-THIAZOL-2-YLAMINO)CARBONYL]PYRIDIN-3-YL}CARBAMATE' 'C14 H16 N4 O3 S'
#
# COMPACT_ATOMS: atom_id res chain seq x y z
N TYR A 26 27.06 -0.57 -4.01
CA TYR A 26 25.92 0.31 -3.65
C TYR A 26 26.15 1.03 -2.32
N ARG A 27 25.85 2.32 -2.30
CA ARG A 27 25.99 3.13 -1.09
C ARG A 27 24.62 3.27 -0.42
N TYR A 28 24.45 2.68 0.74
CA TYR A 28 23.17 2.76 1.44
C TYR A 28 22.93 4.19 1.92
N THR A 29 21.67 4.63 1.89
CA THR A 29 21.31 5.99 2.29
C THR A 29 21.09 6.18 3.79
N GLY A 30 20.93 5.08 4.52
CA GLY A 30 20.70 5.18 5.95
C GLY A 30 21.33 4.02 6.70
N LYS A 31 20.77 3.67 7.85
CA LYS A 31 21.29 2.58 8.68
C LYS A 31 20.77 1.20 8.30
N LEU A 32 19.61 1.15 7.66
CA LEU A 32 19.02 -0.12 7.24
C LEU A 32 19.83 -0.84 6.19
N ARG A 33 19.90 -2.17 6.30
CA ARG A 33 20.61 -3.02 5.35
C ARG A 33 19.72 -4.24 5.15
N PRO A 34 19.78 -4.87 3.97
CA PRO A 34 18.94 -6.06 3.82
C PRO A 34 19.59 -7.18 4.64
N HIS A 35 18.76 -8.09 5.16
CA HIS A 35 19.22 -9.21 5.97
C HIS A 35 18.91 -10.51 5.25
N TYR A 36 19.91 -11.03 4.54
CA TYR A 36 19.80 -12.26 3.76
C TYR A 36 20.36 -13.45 4.51
N PRO A 37 20.08 -14.66 4.03
CA PRO A 37 19.30 -15.00 2.84
C PRO A 37 17.78 -14.90 3.05
N LEU A 38 17.04 -14.83 1.95
CA LEU A 38 15.59 -14.84 2.00
C LEU A 38 15.15 -16.29 1.90
N MET A 39 14.05 -16.63 2.56
CA MET A 39 13.54 -17.98 2.50
C MET A 39 13.05 -18.24 1.07
N PRO A 40 13.03 -19.51 0.65
CA PRO A 40 12.57 -19.85 -0.70
C PRO A 40 11.13 -19.34 -0.84
N THR A 41 10.71 -18.98 -2.05
CA THR A 41 9.35 -18.50 -2.24
C THR A 41 8.35 -19.49 -1.66
N ARG A 42 7.34 -18.95 -0.99
CA ARG A 42 6.29 -19.73 -0.35
C ARG A 42 5.21 -20.12 -1.36
N PRO A 43 4.86 -21.41 -1.42
CA PRO A 43 3.82 -21.79 -2.38
C PRO A 43 2.43 -21.46 -1.89
N VAL A 44 1.50 -21.34 -2.84
CA VAL A 44 0.10 -21.09 -2.52
C VAL A 44 -0.64 -22.32 -3.06
N PRO A 45 -1.45 -22.98 -2.21
CA PRO A 45 -2.21 -24.17 -2.62
C PRO A 45 -2.93 -23.96 -3.95
N SER A 46 -2.92 -24.98 -4.80
CA SER A 46 -3.54 -24.88 -6.11
C SER A 46 -5.03 -24.60 -6.08
N TYR A 47 -5.70 -24.88 -4.97
CA TYR A 47 -7.13 -24.61 -4.90
C TYR A 47 -7.47 -23.14 -4.83
N ILE A 48 -6.46 -22.29 -4.56
CA ILE A 48 -6.69 -20.85 -4.50
C ILE A 48 -6.52 -20.27 -5.89
N GLN A 49 -7.51 -19.50 -6.34
CA GLN A 49 -7.50 -18.90 -7.68
C GLN A 49 -6.33 -17.93 -7.77
N ARG A 50 -5.60 -18.02 -8.86
CA ARG A 50 -4.42 -17.20 -9.07
C ARG A 50 -4.58 -16.16 -10.17
N PRO A 51 -3.94 -14.98 -9.98
CA PRO A 51 -4.01 -13.93 -10.99
C PRO A 51 -3.09 -14.35 -12.13
N ASP A 52 -3.25 -13.75 -13.30
CA ASP A 52 -2.44 -14.15 -14.45
C ASP A 52 -0.92 -14.13 -14.29
N TYR A 53 -0.42 -13.16 -13.55
CA TYR A 53 1.02 -13.06 -13.37
C TYR A 53 1.63 -14.10 -12.43
N ALA A 54 0.80 -14.74 -11.62
CA ALA A 54 1.31 -15.72 -10.68
C ALA A 54 2.13 -16.83 -11.34
N ASP A 55 1.77 -17.20 -12.55
CA ASP A 55 2.48 -18.27 -13.24
C ASP A 55 3.26 -17.84 -14.46
N HIS A 56 3.50 -16.55 -14.57
CA HIS A 56 4.28 -16.02 -15.67
C HIS A 56 5.73 -16.05 -15.17
N PRO A 57 6.68 -16.53 -16.00
CA PRO A 57 8.08 -16.58 -15.54
C PRO A 57 8.71 -15.28 -15.02
N LEU A 58 8.30 -14.14 -15.57
CA LEU A 58 8.83 -12.87 -15.11
C LEU A 58 7.79 -12.13 -14.28
N GLY A 59 6.69 -12.82 -13.95
CA GLY A 59 5.65 -12.20 -13.15
C GLY A 59 4.89 -11.11 -13.87
N MET A 60 4.92 -11.12 -15.20
CA MET A 60 4.21 -10.09 -15.93
C MET A 60 2.72 -10.39 -15.97
N SER A 61 1.91 -9.34 -15.92
CA SER A 61 0.45 -9.48 -15.98
C SER A 61 0.00 -9.03 -17.37
N GLU A 62 -0.36 -9.98 -18.21
CA GLU A 62 -0.79 -9.67 -19.57
C GLU A 62 -2.08 -8.85 -19.61
N SER A 63 -2.99 -9.10 -18.68
CA SER A 63 -4.25 -8.36 -18.63
C SER A 63 -3.98 -6.90 -18.31
N GLU A 64 -3.04 -6.66 -17.40
CA GLU A 64 -2.69 -5.30 -17.02
C GLU A 64 -1.95 -4.57 -18.14
N GLN A 65 -0.95 -5.23 -18.72
CA GLN A 65 -0.16 -4.65 -19.78
C GLN A 65 -1.02 -4.25 -20.99
N ALA A 66 -2.09 -5.00 -21.23
CA ALA A 66 -2.98 -4.72 -22.35
C ALA A 66 -3.63 -3.35 -22.22
N LEU A 67 -3.68 -2.81 -21.00
CA LEU A 67 -4.28 -1.50 -20.81
C LEU A 67 -3.28 -0.43 -20.43
N LYS A 68 -2.00 -0.77 -20.55
CA LYS A 68 -0.94 0.17 -20.25
C LYS A 68 -1.04 1.40 -21.13
N GLY A 69 -1.05 2.58 -20.53
CA GLY A 69 -1.12 3.80 -21.32
C GLY A 69 -2.52 4.30 -21.59
N THR A 70 -3.52 3.60 -21.06
CA THR A 70 -4.91 4.02 -21.26
C THR A 70 -5.37 4.74 -20.00
N SER A 71 -6.15 5.80 -20.16
CA SER A 71 -6.63 6.56 -19.02
C SER A 71 -8.09 6.32 -18.70
N GLN A 72 -8.78 5.54 -19.53
CA GLN A 72 -10.18 5.23 -19.31
C GLN A 72 -10.32 4.47 -17.98
N ILE A 73 -11.27 4.89 -17.15
CA ILE A 73 -11.47 4.25 -15.86
C ILE A 73 -12.71 3.36 -15.85
N LYS A 74 -12.55 2.13 -15.39
CA LYS A 74 -13.64 1.17 -15.32
C LYS A 74 -14.79 1.61 -14.42
N LEU A 75 -16.01 1.35 -14.86
CA LEU A 75 -17.19 1.65 -14.07
C LEU A 75 -17.69 0.29 -13.59
N LEU A 76 -17.46 0.00 -12.32
CA LEU A 76 -17.84 -1.29 -11.77
C LEU A 76 -19.33 -1.59 -11.72
N SER A 77 -19.64 -2.85 -12.03
CA SER A 77 -21.02 -3.32 -12.01
C SER A 77 -21.33 -3.67 -10.56
N SER A 78 -22.61 -3.95 -10.29
CA SER A 78 -23.04 -4.33 -8.96
C SER A 78 -22.29 -5.57 -8.54
N GLU A 79 -22.04 -6.45 -9.51
CA GLU A 79 -21.32 -7.68 -9.26
C GLU A 79 -19.87 -7.37 -8.89
N ASP A 80 -19.24 -6.47 -9.65
CA ASP A 80 -17.85 -6.08 -9.35
C ASP A 80 -17.77 -5.44 -7.97
N ILE A 81 -18.76 -4.62 -7.64
CA ILE A 81 -18.76 -3.94 -6.36
C ILE A 81 -18.81 -4.93 -5.20
N GLU A 82 -19.64 -5.96 -5.33
CA GLU A 82 -19.71 -6.95 -4.26
C GLU A 82 -18.39 -7.70 -4.14
N GLY A 83 -17.76 -7.96 -5.28
CA GLY A 83 -16.48 -8.65 -5.25
C GLY A 83 -15.42 -7.80 -4.58
N MET A 84 -15.46 -6.50 -4.82
CA MET A 84 -14.48 -5.59 -4.22
C MET A 84 -14.74 -5.42 -2.74
N ARG A 85 -16.02 -5.35 -2.36
CA ARG A 85 -16.33 -5.21 -0.94
C ARG A 85 -15.82 -6.43 -0.18
N LEU A 86 -15.96 -7.61 -0.77
CA LEU A 86 -15.50 -8.81 -0.08
C LEU A 86 -13.98 -8.88 0.06
N VAL A 87 -13.25 -8.72 -1.04
CA VAL A 87 -11.79 -8.85 -0.95
C VAL A 87 -11.18 -7.76 -0.08
N CYS A 88 -11.74 -6.56 -0.14
CA CYS A 88 -11.21 -5.48 0.69
C CYS A 88 -11.45 -5.76 2.16
N ARG A 89 -12.60 -6.34 2.52
CA ARG A 89 -12.83 -6.68 3.92
C ARG A 89 -11.83 -7.75 4.36
N LEU A 90 -11.57 -8.74 3.51
CA LEU A 90 -10.62 -9.80 3.85
C LEU A 90 -9.21 -9.23 3.97
N ALA A 91 -8.86 -8.29 3.09
CA ALA A 91 -7.54 -7.67 3.15
C ALA A 91 -7.36 -6.94 4.48
N ARG A 92 -8.40 -6.24 4.93
CA ARG A 92 -8.34 -5.54 6.21
C ARG A 92 -8.10 -6.57 7.30
N GLU A 93 -8.80 -7.70 7.23
CA GLU A 93 -8.61 -8.74 8.24
C GLU A 93 -7.15 -9.20 8.30
N VAL A 94 -6.52 -9.31 7.14
CA VAL A 94 -5.14 -9.75 7.11
C VAL A 94 -4.18 -8.68 7.62
N LEU A 95 -4.45 -7.40 7.31
CA LEU A 95 -3.59 -6.35 7.83
C LEU A 95 -3.71 -6.34 9.35
N ASP A 96 -4.91 -6.58 9.87
CA ASP A 96 -5.11 -6.60 11.32
C ASP A 96 -4.29 -7.74 11.94
N VAL A 97 -4.16 -8.85 11.22
CA VAL A 97 -3.34 -9.96 11.72
C VAL A 97 -1.89 -9.48 11.82
N ALA A 98 -1.38 -8.85 10.76
CA ALA A 98 -0.02 -8.34 10.78
C ALA A 98 0.18 -7.35 11.92
N ALA A 99 -0.82 -6.48 12.14
CA ALA A 99 -0.74 -5.47 13.19
C ALA A 99 -0.48 -6.10 14.55
N GLY A 100 -1.16 -7.22 14.81
CA GLY A 100 -1.03 -7.90 16.08
C GLY A 100 0.32 -8.52 16.34
N MET A 101 1.14 -8.61 15.30
CA MET A 101 2.46 -9.22 15.42
C MET A 101 3.59 -8.21 15.57
N ILE A 102 3.27 -6.93 15.42
CA ILE A 102 4.30 -5.92 15.51
C ILE A 102 4.79 -5.80 16.94
N LYS A 103 6.07 -6.07 17.13
CA LYS A 103 6.70 -5.95 18.44
C LYS A 103 8.20 -6.11 18.24
N PRO A 104 9.01 -5.56 19.16
CA PRO A 104 10.46 -5.69 19.01
C PRO A 104 10.87 -7.16 18.92
N GLY A 105 11.85 -7.44 18.08
CA GLY A 105 12.34 -8.81 17.95
C GLY A 105 11.76 -9.68 16.85
N VAL A 106 10.57 -9.35 16.37
CA VAL A 106 9.92 -10.13 15.31
C VAL A 106 10.54 -9.70 13.98
N THR A 107 10.86 -10.65 13.10
CA THR A 107 11.43 -10.28 11.81
C THR A 107 10.32 -10.00 10.81
N THR A 108 10.66 -9.24 9.78
CA THR A 108 9.65 -8.94 8.79
C THR A 108 9.29 -10.22 8.01
N GLU A 109 10.22 -11.18 7.87
CA GLU A 109 9.85 -12.44 7.22
C GLU A 109 8.80 -13.19 8.04
N GLU A 110 8.86 -13.08 9.38
CA GLU A 110 7.86 -13.75 10.20
C GLU A 110 6.48 -13.11 9.99
N ILE A 111 6.47 -11.79 9.86
CA ILE A 111 5.22 -11.08 9.61
C ILE A 111 4.68 -11.57 8.27
N ASP A 112 5.55 -11.63 7.28
CA ASP A 112 5.15 -12.09 5.96
C ASP A 112 4.60 -13.52 6.00
N HIS A 113 5.22 -14.42 6.77
CA HIS A 113 4.75 -15.79 6.84
C HIS A 113 3.32 -15.80 7.39
N ALA A 114 3.07 -15.02 8.44
CA ALA A 114 1.73 -14.95 9.01
C ALA A 114 0.72 -14.38 8.02
N VAL A 115 1.12 -13.37 7.26
CA VAL A 115 0.25 -12.78 6.26
C VAL A 115 -0.09 -13.81 5.18
N HIS A 116 0.92 -14.54 4.71
CA HIS A 116 0.75 -15.55 3.68
C HIS A 116 -0.29 -16.60 4.13
N LEU A 117 -0.15 -17.07 5.36
CA LEU A 117 -1.09 -18.07 5.87
C LEU A 117 -2.48 -17.49 6.07
N ALA A 118 -2.55 -16.23 6.46
CA ALA A 118 -3.83 -15.58 6.69
C ALA A 118 -4.59 -15.39 5.39
N CYS A 119 -3.87 -15.13 4.30
CA CYS A 119 -4.48 -14.99 2.98
C CYS A 119 -5.05 -16.36 2.57
N ILE A 120 -4.23 -17.38 2.73
CA ILE A 120 -4.63 -18.75 2.37
C ILE A 120 -5.87 -19.17 3.16
N ALA A 121 -5.88 -18.84 4.46
CA ALA A 121 -7.00 -19.18 5.33
C ALA A 121 -8.31 -18.57 4.84
N ARG A 122 -8.20 -17.47 4.10
CA ARG A 122 -9.36 -16.76 3.57
C ARG A 122 -9.59 -17.03 2.10
N ASN A 123 -8.97 -18.09 1.61
CA ASN A 123 -9.10 -18.48 0.21
C ASN A 123 -8.75 -17.37 -0.75
N CYS A 124 -7.68 -16.65 -0.42
CA CYS A 124 -7.19 -15.57 -1.24
C CYS A 124 -5.73 -15.78 -1.59
N TYR A 125 -5.34 -15.23 -2.73
CA TYR A 125 -3.96 -15.30 -3.18
C TYR A 125 -3.33 -13.96 -2.72
N PRO A 126 -2.09 -13.99 -2.20
CA PRO A 126 -1.45 -12.72 -1.78
C PRO A 126 -0.91 -12.04 -3.04
N SER A 127 -1.62 -11.02 -3.49
CA SER A 127 -1.28 -10.32 -4.73
C SER A 127 0.17 -9.96 -4.99
N PRO A 128 0.92 -9.54 -3.97
CA PRO A 128 2.32 -9.19 -4.25
C PRO A 128 3.19 -10.33 -4.75
N LEU A 129 2.85 -11.55 -4.32
CA LEU A 129 3.64 -12.74 -4.65
C LEU A 129 3.81 -13.02 -6.15
N ASN A 130 5.05 -12.85 -6.58
CA ASN A 130 5.49 -12.99 -7.96
C ASN A 130 4.99 -11.91 -8.89
N TYR A 131 4.44 -10.84 -8.33
CA TYR A 131 4.00 -9.73 -9.18
C TYR A 131 5.33 -9.13 -9.68
N TYR A 132 5.58 -9.26 -10.98
CA TYR A 132 6.85 -8.84 -11.57
C TYR A 132 8.01 -9.39 -10.75
N ASN A 133 7.82 -10.64 -10.33
CA ASN A 133 8.78 -11.40 -9.56
C ASN A 133 9.07 -10.94 -8.13
N PHE A 134 8.19 -10.12 -7.57
CA PHE A 134 8.37 -9.70 -6.16
C PHE A 134 8.40 -11.04 -5.40
N PRO A 135 9.38 -11.24 -4.51
CA PRO A 135 9.55 -12.49 -3.77
C PRO A 135 8.71 -12.86 -2.57
N LYS A 136 7.94 -11.91 -2.06
CA LYS A 136 7.18 -12.17 -0.85
C LYS A 136 5.69 -11.90 -1.01
N SER A 137 4.94 -12.06 0.08
CA SER A 137 3.49 -11.93 0.04
C SER A 137 2.93 -10.61 0.52
N CYS A 138 3.82 -9.73 0.96
CA CYS A 138 3.43 -8.40 1.42
C CYS A 138 4.69 -7.54 1.41
N CYS A 139 4.53 -6.23 1.56
CA CYS A 139 5.68 -5.32 1.62
C CYS A 139 5.82 -4.82 3.04
N THR A 140 7.04 -4.86 3.58
CA THR A 140 7.31 -4.38 4.94
C THR A 140 8.36 -3.30 4.81
N SER A 141 7.98 -2.07 5.11
CA SER A 141 8.86 -0.91 4.93
C SER A 141 9.21 -0.22 6.21
N VAL A 142 10.46 -0.40 6.62
CA VAL A 142 10.95 0.16 7.86
C VAL A 142 11.70 1.48 7.71
N ASN A 143 11.40 2.43 8.61
CA ASN A 143 12.08 3.72 8.66
C ASN A 143 12.30 4.44 7.32
N GLU A 144 13.54 4.49 6.82
CA GLU A 144 13.82 5.19 5.55
C GLU A 144 13.28 4.49 4.30
N VAL A 145 12.72 3.28 4.45
CA VAL A 145 12.14 2.61 3.28
C VAL A 145 10.79 3.26 3.04
N ILE A 146 10.66 3.85 1.85
CA ILE A 146 9.42 4.52 1.43
C ILE A 146 8.33 3.50 1.14
N CYS A 147 8.69 2.44 0.41
CA CYS A 147 7.74 1.41 0.06
C CYS A 147 8.46 0.24 -0.57
N HIS A 148 7.71 -0.85 -0.73
CA HIS A 148 8.20 -2.06 -1.38
C HIS A 148 9.37 -2.76 -0.71
N GLY A 149 9.48 -2.58 0.60
CA GLY A 149 10.50 -3.25 1.36
C GLY A 149 10.20 -4.75 1.31
N ILE A 150 11.24 -5.55 1.19
CA ILE A 150 11.09 -7.00 1.09
C ILE A 150 11.29 -7.65 2.46
N PRO A 151 10.28 -8.37 2.97
CA PRO A 151 10.41 -9.04 4.27
C PRO A 151 11.71 -9.86 4.29
N ASP A 152 12.48 -9.71 5.35
CA ASP A 152 13.76 -10.41 5.46
C ASP A 152 14.07 -10.84 6.90
N ARG A 153 15.32 -11.16 7.17
CA ARG A 153 15.66 -11.64 8.50
C ARG A 153 15.90 -10.60 9.58
N ARG A 154 15.72 -9.33 9.28
CA ARG A 154 15.96 -8.29 10.29
C ARG A 154 14.88 -8.23 11.36
N PRO A 155 15.28 -8.33 12.64
CA PRO A 155 14.24 -8.25 13.67
C PRO A 155 13.89 -6.78 13.86
N LEU A 156 12.61 -6.49 14.05
CA LEU A 156 12.19 -5.11 14.29
C LEU A 156 12.85 -4.62 15.56
N GLN A 157 13.20 -3.34 15.57
CA GLN A 157 13.87 -2.71 16.71
C GLN A 157 12.99 -1.67 17.36
N GLU A 158 13.04 -1.60 18.69
CA GLU A 158 12.24 -0.62 19.41
C GLU A 158 12.60 0.75 18.85
N GLY A 159 11.57 1.55 18.57
CA GLY A 159 11.80 2.89 18.03
C GLY A 159 11.57 2.94 16.54
N ASP A 160 11.55 1.77 15.89
CA ASP A 160 11.31 1.73 14.45
C ASP A 160 9.86 2.06 14.15
N ILE A 161 9.63 2.51 12.91
CA ILE A 161 8.27 2.65 12.44
C ILE A 161 8.29 1.67 11.26
N VAL A 162 7.18 0.97 11.07
CA VAL A 162 7.13 0.02 9.97
C VAL A 162 5.76 -0.03 9.31
N ASN A 163 5.79 0.03 7.98
CA ASN A 163 4.55 -0.06 7.20
C ASN A 163 4.37 -1.49 6.65
N VAL A 164 3.16 -2.02 6.75
CA VAL A 164 2.87 -3.31 6.14
C VAL A 164 1.81 -3.01 5.09
N ASP A 165 2.10 -3.36 3.84
CA ASP A 165 1.18 -3.15 2.72
C ASP A 165 0.68 -4.53 2.28
N ILE A 166 -0.63 -4.67 2.34
CA ILE A 166 -1.34 -5.90 2.05
C ILE A 166 -2.21 -5.79 0.81
N THR A 167 -2.18 -6.79 -0.04
CA THR A 167 -3.10 -6.83 -1.16
C THR A 167 -3.49 -8.30 -1.37
N LEU A 168 -4.80 -8.56 -1.42
CA LEU A 168 -5.36 -9.90 -1.61
C LEU A 168 -6.11 -9.98 -2.92
N TYR A 169 -6.18 -11.19 -3.48
CA TYR A 169 -6.88 -11.44 -4.73
C TYR A 169 -7.88 -12.57 -4.48
N ARG A 170 -9.15 -12.29 -4.75
CA ARG A 170 -10.20 -13.28 -4.55
C ARG A 170 -11.26 -13.15 -5.64
N ASN A 171 -11.58 -14.27 -6.27
CA ASN A 171 -12.58 -14.30 -7.34
C ASN A 171 -12.38 -13.22 -8.41
N GLY A 172 -11.12 -12.98 -8.77
CA GLY A 172 -10.81 -12.01 -9.81
C GLY A 172 -10.67 -10.55 -9.40
N TYR A 173 -10.76 -10.29 -8.10
CA TYR A 173 -10.64 -8.91 -7.59
C TYR A 173 -9.51 -8.75 -6.60
N HIS A 174 -8.85 -7.58 -6.64
CA HIS A 174 -7.77 -7.27 -5.71
C HIS A 174 -8.22 -6.23 -4.67
N GLY A 175 -7.77 -6.38 -3.42
CA GLY A 175 -8.12 -5.44 -2.35
C GLY A 175 -6.80 -5.02 -1.71
N ASP A 176 -6.61 -3.72 -1.54
CA ASP A 176 -5.33 -3.16 -1.12
C ASP A 176 -5.38 -2.12 0.02
N LEU A 177 -4.54 -2.29 1.04
CA LEU A 177 -4.47 -1.29 2.10
C LEU A 177 -3.13 -1.39 2.83
N ASN A 178 -2.78 -0.34 3.55
CA ASN A 178 -1.56 -0.39 4.33
C ASN A 178 -1.65 0.60 5.48
N GLU A 179 -0.89 0.31 6.54
CA GLU A 179 -0.79 1.21 7.71
C GLU A 179 0.65 1.19 8.20
N THR A 180 1.06 2.28 8.83
CA THR A 180 2.38 2.36 9.44
C THR A 180 2.11 2.13 10.94
N PHE A 181 3.00 1.35 11.55
CA PHE A 181 2.91 0.98 12.96
C PHE A 181 4.15 1.43 13.72
N PHE A 182 4.00 1.57 15.03
CA PHE A 182 5.11 1.94 15.90
C PHE A 182 5.63 0.64 16.52
N VAL A 183 6.94 0.50 16.62
CA VAL A 183 7.51 -0.69 17.25
C VAL A 183 7.98 -0.23 18.62
N GLY A 184 7.21 -0.60 19.65
CA GLY A 184 7.57 -0.17 20.99
C GLY A 184 7.38 1.34 21.08
N GLU A 185 8.20 1.98 21.91
CA GLU A 185 8.11 3.43 22.06
C GLU A 185 8.90 4.12 20.96
N VAL A 186 8.31 5.13 20.33
CA VAL A 186 8.99 5.87 19.27
C VAL A 186 9.17 7.33 19.68
N ASP A 187 10.03 8.06 18.99
CA ASP A 187 10.26 9.47 19.33
C ASP A 187 9.17 10.39 18.79
N ASP A 188 9.15 11.62 19.29
CA ASP A 188 8.14 12.59 18.87
C ASP A 188 8.12 12.81 17.38
N GLY A 189 9.29 12.76 16.74
CA GLY A 189 9.34 12.94 15.30
C GLY A 189 8.58 11.84 14.57
N ALA A 190 8.72 10.60 15.06
CA ALA A 190 8.04 9.45 14.44
C ALA A 190 6.53 9.62 14.61
N ARG A 191 6.14 10.05 15.81
CA ARG A 191 4.72 10.26 16.08
C ARG A 191 4.11 11.29 15.16
N LYS A 192 4.80 12.43 14.98
CA LYS A 192 4.31 13.48 14.13
C LYS A 192 4.26 13.06 12.67
N LEU A 193 5.28 12.34 12.21
CA LEU A 193 5.30 11.91 10.81
C LEU A 193 4.12 10.97 10.51
N VAL A 194 3.94 9.99 11.38
CA VAL A 194 2.88 9.01 11.17
C VAL A 194 1.48 9.64 11.30
N GLN A 195 1.28 10.48 12.31
CA GLN A 195 -0.02 11.12 12.48
C GLN A 195 -0.33 12.00 11.27
N THR A 196 0.65 12.77 10.82
CA THR A 196 0.43 13.65 9.69
C THR A 196 0.10 12.90 8.41
N THR A 197 0.78 11.77 8.19
CA THR A 197 0.57 10.96 6.99
C THR A 197 -0.86 10.44 7.00
N TYR A 198 -1.30 9.95 8.15
CA TYR A 198 -2.65 9.43 8.25
C TYR A 198 -3.67 10.55 7.98
N GLU A 199 -3.39 11.73 8.52
CA GLU A 199 -4.27 12.87 8.31
C GLU A 199 -4.32 13.26 6.83
N CYS A 200 -3.17 13.19 6.16
CA CYS A 200 -3.12 13.51 4.73
C CYS A 200 -4.06 12.58 3.97
N LEU A 201 -3.96 11.28 4.27
CA LEU A 201 -4.82 10.31 3.61
C LEU A 201 -6.30 10.60 3.84
N MET A 202 -6.69 10.83 5.09
CA MET A 202 -8.10 11.07 5.38
C MET A 202 -8.62 12.38 4.80
N GLN A 203 -7.79 13.41 4.75
CA GLN A 203 -8.26 14.67 4.16
C GLN A 203 -8.53 14.43 2.67
N ALA A 204 -7.71 13.60 2.03
CA ALA A 204 -7.91 13.31 0.62
C ALA A 204 -9.20 12.51 0.42
N ILE A 205 -9.40 11.50 1.26
CA ILE A 205 -10.59 10.68 1.19
C ILE A 205 -11.86 11.49 1.42
N ASP A 206 -11.78 12.46 2.33
CA ASP A 206 -12.94 13.28 2.63
C ASP A 206 -13.36 14.12 1.44
N ALA A 207 -12.43 14.33 0.52
CA ALA A 207 -12.70 15.12 -0.68
C ALA A 207 -13.25 14.30 -1.85
N VAL A 208 -13.23 12.97 -1.72
CA VAL A 208 -13.71 12.10 -2.78
C VAL A 208 -15.22 12.06 -2.95
N LYS A 209 -15.66 12.34 -4.17
CA LYS A 209 -17.09 12.30 -4.52
C LYS A 209 -17.17 12.53 -6.02
N PRO A 210 -18.30 12.17 -6.65
CA PRO A 210 -18.42 12.36 -8.10
C PRO A 210 -18.17 13.80 -8.51
N GLY A 211 -17.48 14.00 -9.62
CA GLY A 211 -17.24 15.36 -10.08
C GLY A 211 -15.89 15.96 -9.71
N VAL A 212 -15.19 15.35 -8.75
CA VAL A 212 -13.89 15.87 -8.34
C VAL A 212 -12.79 15.31 -9.25
N ARG A 213 -11.85 16.16 -9.66
CA ARG A 213 -10.76 15.71 -10.52
C ARG A 213 -9.74 14.94 -9.69
N TYR A 214 -9.24 13.85 -10.25
CA TYR A 214 -8.24 13.05 -9.52
C TYR A 214 -6.99 13.88 -9.16
N ARG A 215 -6.67 14.89 -9.96
CA ARG A 215 -5.48 15.70 -9.68
C ARG A 215 -5.61 16.60 -8.44
N GLU A 216 -6.82 16.77 -7.93
CA GLU A 216 -7.03 17.62 -6.76
C GLU A 216 -6.55 16.98 -5.46
N LEU A 217 -6.57 15.66 -5.40
CA LEU A 217 -6.16 14.96 -4.19
C LEU A 217 -4.73 15.32 -3.77
N GLY A 218 -3.82 15.39 -4.75
CA GLY A 218 -2.44 15.75 -4.46
C GLY A 218 -2.30 17.15 -3.86
N ASN A 219 -3.17 18.06 -4.28
CA ASN A 219 -3.09 19.40 -3.73
C ASN A 219 -3.42 19.35 -2.24
N ILE A 220 -4.43 18.57 -1.88
CA ILE A 220 -4.84 18.43 -0.50
C ILE A 220 -3.74 17.81 0.36
N ILE A 221 -3.19 16.69 -0.12
CA ILE A 221 -2.16 15.99 0.61
C ILE A 221 -0.91 16.82 0.83
N GLN A 222 -0.39 17.42 -0.23
CA GLN A 222 0.82 18.22 -0.08
C GLN A 222 0.59 19.42 0.85
N LYS A 223 -0.58 20.04 0.78
CA LYS A 223 -0.85 21.19 1.65
C LYS A 223 -0.67 20.82 3.12
N HIS A 224 -1.21 19.67 3.51
CA HIS A 224 -1.10 19.27 4.91
C HIS A 224 0.30 18.81 5.27
N ALA A 225 0.95 18.06 4.39
CA ALA A 225 2.30 17.58 4.65
C ALA A 225 3.27 18.75 4.77
N GLN A 226 3.15 19.70 3.85
CA GLN A 226 4.02 20.87 3.84
C GLN A 226 3.82 21.73 5.09
N ALA A 227 2.58 21.86 5.54
CA ALA A 227 2.29 22.64 6.73
C ALA A 227 2.97 22.06 7.96
N ASN A 228 3.35 20.78 7.88
CA ASN A 228 3.98 20.11 8.99
C ASN A 228 5.47 19.85 8.77
N GLY A 229 6.03 20.49 7.75
CA GLY A 229 7.44 20.36 7.45
C GLY A 229 7.87 19.07 6.79
N PHE A 230 6.93 18.37 6.15
CA PHE A 230 7.24 17.11 5.48
C PHE A 230 7.12 17.21 3.97
N SER A 231 7.75 16.26 3.27
CA SER A 231 7.71 16.24 1.80
C SER A 231 6.87 15.07 1.33
N VAL A 232 6.48 15.12 0.06
CA VAL A 232 5.63 14.10 -0.56
C VAL A 232 6.36 13.35 -1.67
N VAL A 233 6.46 12.04 -1.53
CA VAL A 233 7.09 11.21 -2.53
C VAL A 233 6.38 11.37 -3.85
N ARG A 234 7.16 11.48 -4.94
CA ARG A 234 6.60 11.70 -6.27
C ARG A 234 6.66 10.52 -7.25
N SER A 235 7.54 9.56 -6.97
CA SER A 235 7.72 8.44 -7.89
C SER A 235 6.70 7.32 -7.83
N TYR A 236 5.88 7.32 -6.78
CA TYR A 236 4.87 6.29 -6.56
C TYR A 236 3.54 6.97 -6.33
N CYS A 237 2.49 6.45 -6.95
CA CYS A 237 1.15 7.06 -6.82
C CYS A 237 0.05 6.05 -6.50
N GLY A 238 -1.12 6.58 -6.16
CA GLY A 238 -2.30 5.76 -5.90
C GLY A 238 -2.69 5.19 -7.25
N HIS A 239 -3.62 4.24 -7.27
CA HIS A 239 -3.96 3.58 -8.51
C HIS A 239 -5.33 2.95 -8.54
N GLY A 240 -5.85 2.80 -9.76
CA GLY A 240 -7.09 2.11 -9.92
C GLY A 240 -6.78 0.66 -9.55
N ILE A 241 -7.78 -0.04 -9.05
CA ILE A 241 -7.63 -1.43 -8.66
C ILE A 241 -9.00 -2.10 -8.69
N HIS A 242 -9.03 -3.30 -9.24
CA HIS A 242 -10.24 -4.11 -9.30
C HIS A 242 -9.86 -5.46 -9.86
N LYS A 243 -10.10 -5.69 -11.15
CA LYS A 243 -9.72 -6.95 -11.77
C LYS A 243 -8.21 -6.94 -11.99
N LEU A 244 -7.63 -5.74 -11.97
CA LEU A 244 -6.19 -5.54 -12.13
C LEU A 244 -5.65 -5.01 -10.80
N PHE A 245 -4.36 -5.23 -10.55
CA PHE A 245 -3.71 -4.78 -9.31
C PHE A 245 -3.46 -3.29 -9.42
N HIS A 246 -2.83 -2.87 -10.52
CA HIS A 246 -2.54 -1.45 -10.72
C HIS A 246 -3.02 -1.04 -12.10
N THR A 247 -3.98 -0.12 -12.15
CA THR A 247 -4.46 0.33 -13.45
C THR A 247 -5.00 1.76 -13.34
N ALA A 248 -5.58 2.30 -14.41
CA ALA A 248 -6.10 3.67 -14.37
C ALA A 248 -7.16 3.80 -13.28
N PRO A 249 -7.21 4.94 -12.59
CA PRO A 249 -6.37 6.12 -12.78
C PRO A 249 -5.08 6.14 -11.96
N ASN A 250 -4.12 6.92 -12.44
CA ASN A 250 -2.88 7.13 -11.72
C ASN A 250 -3.28 8.28 -10.79
N VAL A 251 -2.96 8.18 -9.50
CA VAL A 251 -3.32 9.23 -8.56
C VAL A 251 -2.13 9.77 -7.77
N PRO A 252 -1.47 10.82 -8.28
CA PRO A 252 -0.31 11.44 -7.63
C PRO A 252 -0.71 12.03 -6.29
N HIS A 253 0.21 12.05 -5.33
CA HIS A 253 -0.11 12.59 -4.02
C HIS A 253 0.46 13.99 -3.80
N TYR A 254 1.14 14.53 -4.81
CA TYR A 254 1.74 15.87 -4.71
C TYR A 254 0.93 16.93 -5.45
N ALA A 255 1.13 18.18 -5.10
CA ALA A 255 0.38 19.29 -5.71
C ALA A 255 0.75 19.61 -7.15
N LYS A 256 -0.23 20.13 -7.88
CA LYS A 256 -0.06 20.56 -9.26
C LYS A 256 0.43 19.45 -10.18
N ASN A 257 -0.23 18.30 -10.11
CA ASN A 257 0.11 17.14 -10.94
C ASN A 257 -0.82 17.12 -12.15
N LYS A 258 -0.50 16.28 -13.13
CA LYS A 258 -1.31 16.22 -14.35
C LYS A 258 -2.19 14.98 -14.46
N ALA A 259 -2.66 14.49 -13.32
CA ALA A 259 -3.52 13.32 -13.29
C ALA A 259 -4.71 13.53 -14.22
N VAL A 260 -5.05 12.49 -14.98
CA VAL A 260 -6.15 12.53 -15.93
C VAL A 260 -7.41 11.86 -15.39
N GLY A 261 -8.54 12.56 -15.47
CA GLY A 261 -9.78 11.98 -15.02
C GLY A 261 -10.57 12.71 -13.96
N VAL A 262 -11.86 12.42 -13.94
CA VAL A 262 -12.81 12.97 -13.00
C VAL A 262 -13.53 11.80 -12.35
N MET A 263 -13.74 11.90 -11.05
CA MET A 263 -14.40 10.84 -10.30
C MET A 263 -15.86 10.68 -10.67
N LYS A 264 -16.30 9.42 -10.71
CA LYS A 264 -17.68 9.09 -11.03
C LYS A 264 -18.07 7.91 -10.16
N SER A 265 -19.35 7.84 -9.81
CA SER A 265 -19.83 6.73 -8.99
C SER A 265 -19.52 5.44 -9.73
N GLY A 266 -18.85 4.50 -9.04
CA GLY A 266 -18.52 3.25 -9.67
C GLY A 266 -17.01 3.10 -9.87
N HIS A 267 -16.28 4.18 -9.69
CA HIS A 267 -14.82 4.13 -9.82
C HIS A 267 -14.24 3.58 -8.52
N VAL A 268 -13.17 2.79 -8.65
CA VAL A 268 -12.49 2.26 -7.48
C VAL A 268 -11.00 2.50 -7.67
N PHE A 269 -10.38 3.06 -6.64
CA PHE A 269 -8.95 3.37 -6.71
C PHE A 269 -8.40 3.52 -5.30
N THR A 270 -7.08 3.63 -5.21
CA THR A 270 -6.45 3.80 -3.90
C THR A 270 -5.83 5.19 -3.74
N ILE A 271 -5.66 5.58 -2.49
CA ILE A 271 -4.97 6.80 -2.16
C ILE A 271 -3.96 6.22 -1.14
N GLU A 272 -2.67 6.49 -1.33
CA GLU A 272 -1.63 5.90 -0.46
C GLU A 272 -0.41 6.79 -0.35
N PRO A 273 -0.60 8.01 0.17
CA PRO A 273 0.52 8.94 0.30
C PRO A 273 1.71 8.46 1.12
N MET A 274 2.90 8.72 0.59
CA MET A 274 4.16 8.39 1.26
C MET A 274 4.76 9.76 1.56
N ILE A 275 4.89 10.05 2.85
CA ILE A 275 5.37 11.33 3.36
C ILE A 275 6.73 11.16 4.02
N CYS A 276 7.62 12.12 3.81
CA CYS A 276 8.98 12.01 4.35
C CYS A 276 9.41 13.13 5.30
N GLU A 277 10.28 12.78 6.25
CA GLU A 277 10.79 13.74 7.22
C GLU A 277 11.69 14.77 6.55
N GLY A 278 12.44 14.30 5.55
CA GLY A 278 13.36 15.17 4.83
C GLY A 278 12.89 15.45 3.42
N GLY A 279 13.77 15.23 2.45
CA GLY A 279 13.44 15.46 1.04
C GLY A 279 12.54 14.38 0.47
N TRP A 280 11.94 14.66 -0.68
CA TRP A 280 11.02 13.71 -1.32
C TRP A 280 11.70 12.72 -2.25
N GLN A 281 12.97 12.97 -2.57
CA GLN A 281 13.69 12.10 -3.49
C GLN A 281 13.87 10.67 -3.02
N ASP A 282 13.67 9.76 -3.96
CA ASP A 282 13.78 8.32 -3.66
C ASP A 282 14.77 7.66 -4.60
N GLU A 283 15.24 6.49 -4.18
CA GLU A 283 16.10 5.68 -5.01
C GLU A 283 15.82 4.24 -4.64
N THR A 284 16.22 3.33 -5.50
CA THR A 284 15.95 1.92 -5.31
C THR A 284 17.19 1.10 -5.00
N TRP A 285 17.05 0.17 -4.06
CA TRP A 285 18.17 -0.71 -3.70
C TRP A 285 18.48 -1.65 -4.84
N PRO A 286 19.65 -2.30 -4.79
CA PRO A 286 20.06 -3.25 -5.82
C PRO A 286 19.09 -4.42 -5.99
N ASP A 287 18.21 -4.66 -5.01
CA ASP A 287 17.26 -5.75 -5.14
C ASP A 287 16.17 -5.43 -6.17
N GLY A 288 16.16 -4.18 -6.63
CA GLY A 288 15.20 -3.76 -7.65
C GLY A 288 13.82 -3.38 -7.16
N TRP A 289 13.61 -3.46 -5.84
CA TRP A 289 12.31 -3.17 -5.25
C TRP A 289 12.29 -2.14 -4.14
N THR A 290 13.17 -2.32 -3.16
CA THR A 290 13.16 -1.44 -1.99
C THR A 290 13.44 0.01 -2.33
N ALA A 291 12.42 0.85 -2.11
CA ALA A 291 12.53 2.28 -2.39
C ALA A 291 12.86 2.98 -1.08
N VAL A 292 13.92 3.79 -1.09
CA VAL A 292 14.33 4.48 0.12
C VAL A 292 14.53 5.96 -0.12
N THR A 293 14.44 6.74 0.94
CA THR A 293 14.69 8.17 0.80
C THR A 293 16.18 8.32 0.47
N ARG A 294 16.48 9.25 -0.43
CA ARG A 294 17.89 9.44 -0.79
C ARG A 294 18.69 10.03 0.38
N ASP A 295 18.02 10.76 1.28
CA ASP A 295 18.73 11.34 2.43
C ASP A 295 18.73 10.46 3.69
N GLY A 296 18.09 9.30 3.59
CA GLY A 296 18.10 8.40 4.73
C GLY A 296 17.18 8.75 5.89
N LYS A 297 16.33 9.75 5.71
CA LYS A 297 15.41 10.12 6.78
C LYS A 297 14.16 9.22 6.66
N ARG A 298 13.30 9.25 7.68
CA ARG A 298 12.14 8.37 7.67
C ARG A 298 10.97 8.78 6.79
N SER A 299 10.22 7.76 6.38
CA SER A 299 9.04 7.95 5.55
C SER A 299 7.91 7.09 6.15
N ALA A 300 6.68 7.56 6.02
CA ALA A 300 5.51 6.83 6.49
C ALA A 300 4.45 6.85 5.41
N GLN A 301 3.56 5.86 5.44
CA GLN A 301 2.50 5.72 4.46
C GLN A 301 1.22 5.13 5.06
N PHE A 302 0.08 5.45 4.46
CA PHE A 302 -1.21 4.87 4.83
C PHE A 302 -1.95 4.73 3.51
N GLU A 303 -2.79 3.71 3.41
CA GLU A 303 -3.55 3.45 2.19
C GLU A 303 -4.91 2.80 2.42
N HIS A 304 -5.88 3.24 1.64
CA HIS A 304 -7.19 2.63 1.62
C HIS A 304 -7.60 2.45 0.16
N THR A 305 -8.50 1.49 -0.11
CA THR A 305 -9.07 1.29 -1.44
C THR A 305 -10.45 1.93 -1.28
N LEU A 306 -10.79 2.80 -2.23
CA LEU A 306 -12.05 3.55 -2.16
C LEU A 306 -12.98 3.29 -3.33
N LEU A 307 -14.27 3.29 -3.04
CA LEU A 307 -15.30 3.15 -4.08
C LEU A 307 -16.06 4.48 -4.11
N VAL A 308 -16.11 5.12 -5.28
CA VAL A 308 -16.83 6.37 -5.40
C VAL A 308 -18.29 6.00 -5.52
N THR A 309 -19.13 6.65 -4.74
CA THR A 309 -20.56 6.38 -4.78
C THR A 309 -21.25 7.57 -5.42
N ASP A 310 -22.58 7.55 -5.46
CA ASP A 310 -23.32 8.66 -6.05
C ASP A 310 -23.11 9.98 -5.32
N THR A 311 -22.81 9.90 -4.02
CA THR A 311 -22.62 11.12 -3.21
C THR A 311 -21.25 11.35 -2.56
N GLY A 312 -20.43 10.30 -2.45
CA GLY A 312 -19.12 10.46 -1.83
C GLY A 312 -18.31 9.21 -2.09
N CYS A 313 -17.87 8.56 -1.02
CA CYS A 313 -17.11 7.33 -1.23
C CYS A 313 -17.20 6.36 -0.07
N GLU A 314 -17.06 5.09 -0.40
CA GLU A 314 -17.11 4.01 0.55
C GLU A 314 -15.66 3.59 0.74
N ILE A 315 -15.22 3.52 2.00
CA ILE A 315 -13.84 3.10 2.30
C ILE A 315 -13.90 1.59 2.47
N LEU A 316 -13.62 0.88 1.39
CA LEU A 316 -13.72 -0.58 1.39
C LEU A 316 -12.83 -1.32 2.35
N THR A 317 -11.67 -0.73 2.64
CA THR A 317 -10.69 -1.34 3.53
C THR A 317 -10.70 -0.76 4.94
N ARG A 318 -11.78 -0.07 5.29
CA ARG A 318 -11.89 0.53 6.63
C ARG A 318 -12.03 -0.56 7.70
N ARG A 319 -11.75 -0.17 8.93
CA ARG A 319 -11.95 -1.08 10.07
C ARG A 319 -13.45 -1.00 10.32
N LEU A 320 -14.08 -2.14 10.56
CA LEU A 320 -15.52 -2.16 10.80
C LEU A 320 -15.83 -2.23 12.29
N ASP A 321 -14.83 -2.60 13.07
CA ASP A 321 -15.01 -2.81 14.52
C ASP A 321 -14.21 -1.91 15.43
N SER A 322 -13.52 -0.94 14.87
CA SER A 322 -12.70 -0.06 15.69
C SER A 322 -12.62 1.29 15.01
N ALA A 323 -12.74 2.35 15.81
CA ALA A 323 -12.74 3.70 15.29
C ALA A 323 -11.44 4.25 14.69
N ARG A 324 -10.29 3.76 15.15
CA ARG A 324 -9.05 4.35 14.68
C ARG A 324 -7.99 3.40 14.12
N PRO A 325 -7.00 3.94 13.38
CA PRO A 325 -5.96 3.05 12.84
C PRO A 325 -5.18 2.48 14.02
N HIS A 326 -4.42 1.42 13.78
CA HIS A 326 -3.69 0.76 14.87
C HIS A 326 -2.73 1.63 15.67
N PHE A 327 -2.01 2.54 15.02
CA PHE A 327 -1.05 3.36 15.73
C PHE A 327 -1.67 4.27 16.78
N MET A 328 -2.97 4.49 16.71
CA MET A 328 -3.63 5.32 17.70
C MET A 328 -4.71 4.51 18.44
N SER A 329 -4.53 3.19 18.45
CA SER A 329 -5.47 2.28 19.11
C SER A 329 -4.80 1.61 20.30
CO CO B . -0.83 -1.28 -1.23
CO CO C . -2.02 0.40 -3.64
CO CO D . 3.13 -0.79 -4.36
CA CA E . 8.90 3.49 6.25
S HM4 F . 4.51 -4.79 -6.30
N1 HM4 F . 3.53 -4.02 -4.19
N2 HM4 F . 3.65 -2.27 -5.71
N3 HM4 F . 2.90 0.27 -6.10
N4 HM4 F . 3.16 -0.84 -9.57
C1 HM4 F . 4.38 -5.95 -5.13
C2 HM4 F . 3.79 -5.33 -4.01
C3 HM4 F . 3.85 -3.55 -5.35
C4 HM4 F . 3.60 -1.88 -7.00
C5 HM4 F . 3.12 -0.50 -7.22
C6 HM4 F . 2.48 1.54 -6.15
C7 HM4 F . 2.25 2.13 -7.40
C8 HM4 F . 2.45 1.41 -8.59
C9 HM4 F . 2.92 0.01 -8.51
C10 HM4 F . 3.02 -0.63 -10.92
C11 HM4 F . 3.24 -1.68 -13.15
C12 HM4 F . 3.67 -3.08 -13.48
C13 HM4 F . 4.33 -0.64 -13.72
C14 HM4 F . 1.81 -1.61 -13.68
O1 HM4 F . 3.88 -2.67 -7.93
O2 HM4 F . 2.64 0.40 -11.37
O3 HM4 F . 3.32 -1.68 -11.72
C1 GOL G . 13.32 -4.78 6.96
O1 GOL G . 13.25 -6.07 7.55
C2 GOL G . 12.24 -4.62 5.89
O2 GOL G . 11.97 -5.78 5.16
C3 GOL G . 12.63 -3.50 4.95
O3 GOL G . 11.79 -2.42 5.28
#